data_6ZG4
#
_entry.id   6ZG4
#
_cell.length_a   62.47
_cell.length_b   65.45
_cell.length_c   154.83
_cell.angle_alpha   90
_cell.angle_beta   90
_cell.angle_gamma   90
#
_symmetry.space_group_name_H-M   'P 21 21 21'
#
loop_
_entity.id
_entity.type
_entity.pdbx_description
1 polymer 'Muscarinic acetylcholine receptor M1,Endolysin,Muscarinic acetylcholine receptor M1'
2 non-polymer 'ethyl (4~{S})-4-[4-[(1-methylcyclobutyl)carbamoyl]piperidin-1-yl]azepane-1-carboxylate'
3 non-polymer 'OLEIC ACID'
4 non-polymer 'TRIETHYLENE GLYCOL'
5 non-polymer 'PHOSPHATE ION'
6 water water
#
_entity_poly.entity_id   1
_entity_poly.type   'polypeptide(L)'
_entity_poly.pdbx_seq_one_letter_code
;METVEMVAIATVAGLLSLATVTGNILLMLSIKVNRQLQTVNNYFAFSLACADLIIGAFSMNLYTVYIIMGHWALGALACD
LALALDYVASNAAVMNLLLISFDRYFSVTRPLSYRAKRTPRRALLMIGLAWLVSFVLWAPAILFWQYLVGERTVLAGQCY
IQFLSQPIITFGTAMATFYLPVTVMCTLYWRIYRETENRANIFEMLRIDEGLRLKIYKDTEGYYTIGIGHLLTKSPSLNA
AKSELDKAIGRNTNGVITKDEAEKLFNQDVDAAVRGILRNAKLKPVYDSLDAVRRAALINMVFQMGETGVAGFTNSLRML
QQKRWDEAAVNLAKSRWYNQTPNRAKRVITTFRTGTWDAYTFSLVKEKAALRTLSAILLAFILTWTPYNIMVLVSTFCKD
CVPETLWELGYWLCYVNATINPMCYALCNKAFRDTFRLLLLARWDHHHHHHHHHH
;
_entity_poly.pdbx_strand_id   A
#
loop_
_chem_comp.id
_chem_comp.type
_chem_comp.name
_chem_comp.formula
OLA non-polymer 'OLEIC ACID' 'C18 H34 O2'
PGE non-polymer 'TRIETHYLENE GLYCOL' 'C6 H14 O4'
PO4 non-polymer 'PHOSPHATE ION' 'O4 P -3'
QK8 non-polymer 'ethyl (4~{S})-4-[4-[(1-methylcyclobutyl)carbamoyl]piperidin-1-yl]azepane-1-carboxylate' 'C20 H35 N3 O3'
#
# COMPACT_ATOMS: atom_id res chain seq x y z
N MET A 1 -38.89 -1.71 -23.21
CA MET A 1 -38.14 -2.93 -22.88
C MET A 1 -39.07 -4.11 -22.57
N GLU A 2 -38.71 -5.29 -23.12
CA GLU A 2 -39.48 -6.53 -22.95
C GLU A 2 -39.33 -7.11 -21.55
N THR A 3 -40.42 -7.73 -21.05
CA THR A 3 -40.53 -8.35 -19.73
C THR A 3 -39.46 -9.44 -19.49
N VAL A 4 -39.05 -10.16 -20.56
CA VAL A 4 -38.00 -11.18 -20.55
C VAL A 4 -36.65 -10.52 -20.16
N GLU A 5 -36.38 -9.33 -20.75
CA GLU A 5 -35.18 -8.51 -20.51
C GLU A 5 -35.18 -7.91 -19.11
N MET A 6 -36.37 -7.49 -18.60
CA MET A 6 -36.55 -6.91 -17.27
C MET A 6 -36.13 -7.87 -16.14
N VAL A 7 -36.61 -9.13 -16.18
CA VAL A 7 -36.31 -10.20 -15.21
C VAL A 7 -34.81 -10.61 -15.26
N ALA A 8 -34.24 -10.72 -16.48
CA ALA A 8 -32.84 -11.11 -16.72
C ALA A 8 -31.83 -10.08 -16.19
N ILE A 9 -32.05 -8.77 -16.50
CA ILE A 9 -31.20 -7.68 -16.01
C ILE A 9 -31.33 -7.64 -14.49
N ALA A 10 -32.56 -7.71 -13.95
CA ALA A 10 -32.82 -7.70 -12.51
C ALA A 10 -32.05 -8.80 -11.75
N THR A 11 -32.08 -10.05 -12.27
CA THR A 11 -31.39 -11.22 -11.68
C THR A 11 -29.87 -11.05 -11.69
N VAL A 12 -29.29 -10.77 -12.87
CA VAL A 12 -27.84 -10.56 -13.04
C VAL A 12 -27.34 -9.36 -12.22
N ALA A 13 -27.97 -8.18 -12.36
CA ALA A 13 -27.60 -6.97 -11.61
C ALA A 13 -27.83 -7.16 -10.11
N GLY A 14 -28.89 -7.91 -9.77
CA GLY A 14 -29.25 -8.24 -8.40
C GLY A 14 -28.24 -9.15 -7.74
N LEU A 15 -27.77 -10.20 -8.46
CA LEU A 15 -26.75 -11.12 -7.96
C LEU A 15 -25.40 -10.41 -7.83
N LEU A 16 -25.10 -9.50 -8.78
CA LEU A 16 -23.87 -8.68 -8.74
C LEU A 16 -23.88 -7.82 -7.47
N SER A 17 -25.02 -7.16 -7.18
CA SER A 17 -25.23 -6.34 -5.98
C SER A 17 -25.01 -7.21 -4.73
N LEU A 18 -25.64 -8.40 -4.69
CA LEU A 18 -25.52 -9.35 -3.58
C LEU A 18 -24.05 -9.75 -3.34
N ALA A 19 -23.29 -10.04 -4.42
CA ALA A 19 -21.88 -10.42 -4.38
C ALA A 19 -21.00 -9.25 -3.91
N THR A 20 -21.42 -8.00 -4.21
CA THR A 20 -20.72 -6.78 -3.82
C THR A 20 -20.99 -6.41 -2.37
N VAL A 21 -22.24 -6.53 -1.93
CA VAL A 21 -22.65 -6.24 -0.55
C VAL A 21 -21.98 -7.25 0.40
N THR A 22 -22.11 -8.58 0.12
CA THR A 22 -21.50 -9.68 0.89
C THR A 22 -19.97 -9.49 1.06
N GLY A 23 -19.29 -9.30 -0.07
CA GLY A 23 -17.84 -9.18 -0.10
C GLY A 23 -17.27 -8.04 0.73
N ASN A 24 -17.91 -6.87 0.67
CA ASN A 24 -17.44 -5.70 1.40
C ASN A 24 -17.83 -5.78 2.86
N ILE A 25 -18.96 -6.46 3.18
CA ILE A 25 -19.38 -6.75 4.56
C ILE A 25 -18.39 -7.74 5.20
N LEU A 26 -17.98 -8.79 4.47
CA LEU A 26 -16.97 -9.77 4.93
C LEU A 26 -15.64 -9.08 5.26
N LEU A 27 -15.22 -8.16 4.38
CA LEU A 27 -14.00 -7.38 4.55
C LEU A 27 -14.05 -6.54 5.85
N MET A 28 -15.15 -5.77 6.07
CA MET A 28 -15.38 -4.95 7.27
C MET A 28 -15.46 -5.77 8.56
N LEU A 29 -16.20 -6.91 8.54
CA LEU A 29 -16.35 -7.80 9.68
C LEU A 29 -15.09 -8.54 10.02
N SER A 30 -14.28 -8.93 9.01
CA SER A 30 -13.01 -9.63 9.21
C SER A 30 -12.06 -8.79 10.06
N ILE A 31 -11.94 -7.49 9.74
CA ILE A 31 -11.10 -6.53 10.45
C ILE A 31 -11.65 -6.32 11.90
N LYS A 32 -12.99 -6.27 12.05
CA LYS A 32 -13.69 -6.11 13.32
C LYS A 32 -13.51 -7.32 14.27
N VAL A 33 -13.73 -8.54 13.75
CA VAL A 33 -13.73 -9.84 14.45
C VAL A 33 -12.32 -10.47 14.67
N ASN A 34 -11.31 -10.10 13.86
CA ASN A 34 -9.96 -10.67 13.96
C ASN A 34 -8.93 -9.60 14.36
N ARG A 35 -8.22 -9.85 15.47
CA ARG A 35 -7.20 -8.96 16.04
C ARG A 35 -5.99 -8.76 15.11
N GLN A 36 -5.51 -9.84 14.47
CA GLN A 36 -4.39 -9.82 13.53
C GLN A 36 -4.63 -8.88 12.34
N LEU A 37 -5.90 -8.62 12.02
CA LEU A 37 -6.28 -7.75 10.90
C LEU A 37 -6.44 -6.30 11.33
N GLN A 38 -6.52 -6.04 12.65
CA GLN A 38 -6.65 -4.69 13.21
C GLN A 38 -5.34 -3.88 13.16
N THR A 39 -4.85 -3.59 11.94
CA THR A 39 -3.62 -2.83 11.66
C THR A 39 -3.97 -1.49 10.99
N VAL A 40 -3.07 -0.47 11.11
CA VAL A 40 -3.22 0.86 10.51
C VAL A 40 -3.63 0.81 9.03
N ASN A 41 -2.91 0.05 8.18
CA ASN A 41 -3.26 -0.01 6.75
C ASN A 41 -4.65 -0.60 6.52
N ASN A 42 -5.12 -1.49 7.40
CA ASN A 42 -6.44 -2.10 7.28
C ASN A 42 -7.56 -1.16 7.70
N TYR A 43 -7.22 0.01 8.28
CA TYR A 43 -8.19 1.06 8.58
C TYR A 43 -8.62 1.65 7.21
N PHE A 44 -7.66 1.75 6.26
CA PHE A 44 -7.90 2.24 4.91
C PHE A 44 -8.66 1.21 4.08
N ALA A 45 -8.40 -0.09 4.31
CA ALA A 45 -9.09 -1.21 3.67
C ALA A 45 -10.57 -1.19 4.07
N PHE A 46 -10.86 -0.92 5.37
CA PHE A 46 -12.21 -0.81 5.95
C PHE A 46 -12.92 0.42 5.36
N SER A 47 -12.21 1.56 5.25
CA SER A 47 -12.71 2.80 4.67
C SER A 47 -13.08 2.58 3.21
N LEU A 48 -12.24 1.83 2.47
CA LEU A 48 -12.47 1.50 1.06
C LEU A 48 -13.70 0.58 0.95
N ALA A 49 -13.84 -0.38 1.90
CA ALA A 49 -14.95 -1.34 1.96
C ALA A 49 -16.28 -0.65 2.18
N CYS A 50 -16.32 0.45 2.97
CA CYS A 50 -17.48 1.31 3.27
C CYS A 50 -17.96 1.98 1.95
N ALA A 51 -17.02 2.57 1.15
CA ALA A 51 -17.31 3.19 -0.15
C ALA A 51 -17.87 2.16 -1.12
N ASP A 52 -17.28 0.94 -1.12
CA ASP A 52 -17.70 -0.14 -2.01
C ASP A 52 -19.03 -0.77 -1.56
N LEU A 53 -19.36 -0.70 -0.26
CA LEU A 53 -20.65 -1.17 0.28
C LEU A 53 -21.78 -0.22 -0.20
N ILE A 54 -21.51 1.10 -0.29
CA ILE A 54 -22.48 2.10 -0.79
C ILE A 54 -22.71 1.86 -2.27
N ILE A 55 -21.63 1.61 -3.04
CA ILE A 55 -21.73 1.32 -4.46
C ILE A 55 -22.59 0.05 -4.70
N GLY A 56 -22.34 -1.02 -3.94
CA GLY A 56 -23.08 -2.27 -4.03
C GLY A 56 -24.55 -2.17 -3.64
N ALA A 57 -24.81 -1.61 -2.45
CA ALA A 57 -26.14 -1.47 -1.89
C ALA A 57 -27.00 -0.39 -2.57
N PHE A 58 -26.47 0.84 -2.73
CA PHE A 58 -27.21 1.97 -3.30
C PHE A 58 -27.01 2.16 -4.77
N SER A 59 -25.83 2.63 -5.18
CA SER A 59 -25.50 2.95 -6.58
C SER A 59 -25.92 1.88 -7.57
N MET A 60 -25.49 0.62 -7.38
CA MET A 60 -25.83 -0.50 -8.28
C MET A 60 -27.35 -0.72 -8.43
N ASN A 61 -28.07 -0.79 -7.30
CA ASN A 61 -29.51 -1.07 -7.32
C ASN A 61 -30.34 0.09 -7.89
N LEU A 62 -29.92 1.34 -7.64
CA LEU A 62 -30.58 2.51 -8.20
C LEU A 62 -30.33 2.60 -9.72
N TYR A 63 -29.11 2.23 -10.18
CA TYR A 63 -28.74 2.17 -11.59
C TYR A 63 -29.58 1.13 -12.30
N THR A 64 -29.87 -0.02 -11.63
CA THR A 64 -30.71 -1.11 -12.17
C THR A 64 -32.14 -0.64 -12.42
N VAL A 65 -32.77 0.02 -11.41
CA VAL A 65 -34.13 0.59 -11.51
C VAL A 65 -34.17 1.56 -12.70
N TYR A 66 -33.15 2.43 -12.84
CA TYR A 66 -33.03 3.41 -13.93
C TYR A 66 -32.99 2.73 -15.31
N ILE A 67 -32.18 1.67 -15.49
CA ILE A 67 -32.06 0.89 -16.75
C ILE A 67 -33.38 0.15 -17.08
N ILE A 68 -33.93 -0.60 -16.10
CA ILE A 68 -35.16 -1.37 -16.24
C ILE A 68 -36.37 -0.46 -16.57
N MET A 69 -36.58 0.64 -15.80
CA MET A 69 -37.70 1.57 -16.02
C MET A 69 -37.58 2.37 -17.31
N GLY A 70 -36.36 2.49 -17.82
CA GLY A 70 -36.06 3.20 -19.06
C GLY A 70 -36.00 4.70 -18.91
N HIS A 71 -36.30 5.21 -17.71
CA HIS A 71 -36.31 6.64 -17.39
C HIS A 71 -36.21 6.89 -15.86
N TRP A 72 -35.96 8.15 -15.44
CA TRP A 72 -35.87 8.52 -14.03
C TRP A 72 -37.23 9.07 -13.61
N ALA A 73 -37.93 8.35 -12.71
CA ALA A 73 -39.29 8.74 -12.29
C ALA A 73 -39.40 9.30 -10.86
N LEU A 74 -38.25 9.52 -10.20
CA LEU A 74 -38.19 9.96 -8.81
C LEU A 74 -38.03 11.48 -8.59
N GLY A 75 -37.91 12.26 -9.66
CA GLY A 75 -37.77 13.71 -9.57
C GLY A 75 -36.33 14.17 -9.61
N ALA A 76 -36.13 15.47 -9.90
CA ALA A 76 -34.84 16.15 -10.03
C ALA A 76 -34.03 16.23 -8.75
N LEU A 77 -34.68 16.45 -7.59
CA LEU A 77 -33.99 16.51 -6.31
C LEU A 77 -33.42 15.13 -5.98
N ALA A 78 -34.25 14.07 -6.08
CA ALA A 78 -33.86 12.69 -5.85
C ALA A 78 -32.71 12.29 -6.80
N CYS A 79 -32.74 12.82 -8.04
CA CYS A 79 -31.75 12.62 -9.07
C CYS A 79 -30.40 13.21 -8.65
N ASP A 80 -30.38 14.53 -8.35
CA ASP A 80 -29.18 15.27 -7.95
C ASP A 80 -28.54 14.73 -6.68
N LEU A 81 -29.37 14.29 -5.70
CA LEU A 81 -28.88 13.69 -4.44
C LEU A 81 -28.27 12.28 -4.67
N ALA A 82 -28.86 11.47 -5.57
CA ALA A 82 -28.39 10.12 -5.93
C ALA A 82 -27.10 10.19 -6.73
N LEU A 83 -26.95 11.22 -7.59
CA LEU A 83 -25.73 11.45 -8.37
C LEU A 83 -24.60 11.83 -7.41
N ALA A 84 -24.91 12.71 -6.42
CA ALA A 84 -23.99 13.15 -5.37
C ALA A 84 -23.51 11.94 -4.58
N LEU A 85 -24.41 11.02 -4.13
CA LEU A 85 -24.00 9.82 -3.40
C LEU A 85 -23.08 8.92 -4.23
N ASP A 86 -23.43 8.69 -5.47
CA ASP A 86 -22.70 7.87 -6.43
C ASP A 86 -21.28 8.37 -6.71
N TYR A 87 -21.11 9.67 -7.04
CA TYR A 87 -19.82 10.28 -7.36
C TYR A 87 -18.91 10.48 -6.15
N VAL A 88 -19.48 10.86 -5.01
CA VAL A 88 -18.75 11.06 -3.75
C VAL A 88 -18.19 9.72 -3.26
N ALA A 89 -18.98 8.62 -3.32
CA ALA A 89 -18.54 7.27 -2.92
C ALA A 89 -17.45 6.71 -3.87
N SER A 90 -17.63 6.88 -5.20
CA SER A 90 -16.67 6.45 -6.23
C SER A 90 -15.33 7.19 -6.09
N ASN A 91 -15.37 8.49 -5.75
CA ASN A 91 -14.17 9.31 -5.56
C ASN A 91 -13.52 8.96 -4.23
N ALA A 92 -14.34 8.64 -3.20
CA ALA A 92 -13.82 8.25 -1.88
C ALA A 92 -13.08 6.93 -1.98
N ALA A 93 -13.48 6.06 -2.95
CA ALA A 93 -12.82 4.78 -3.18
C ALA A 93 -11.41 5.00 -3.76
N VAL A 94 -11.28 5.93 -4.75
CA VAL A 94 -10.03 6.33 -5.44
C VAL A 94 -9.10 6.99 -4.42
N MET A 95 -9.67 7.84 -3.55
CA MET A 95 -8.90 8.53 -2.53
C MET A 95 -8.41 7.60 -1.44
N ASN A 96 -9.13 6.49 -1.20
CA ASN A 96 -8.75 5.47 -0.22
C ASN A 96 -7.63 4.58 -0.72
N LEU A 97 -7.61 4.32 -2.05
CA LEU A 97 -6.56 3.56 -2.73
C LEU A 97 -5.28 4.39 -2.66
N LEU A 98 -5.39 5.73 -2.77
CA LEU A 98 -4.27 6.66 -2.68
C LEU A 98 -3.69 6.67 -1.26
N LEU A 99 -4.57 6.58 -0.24
CA LEU A 99 -4.15 6.50 1.17
C LEU A 99 -3.42 5.16 1.45
N ILE A 100 -3.91 4.01 0.90
CA ILE A 100 -3.30 2.68 1.06
C ILE A 100 -1.86 2.71 0.48
N SER A 101 -1.72 3.23 -0.78
CA SER A 101 -0.48 3.36 -1.55
C SER A 101 0.57 4.22 -0.87
N PHE A 102 0.19 5.44 -0.42
CA PHE A 102 1.09 6.37 0.29
C PHE A 102 1.56 5.83 1.63
N ASP A 103 0.65 5.22 2.43
CA ASP A 103 0.96 4.61 3.72
C ASP A 103 1.99 3.48 3.53
N ARG A 104 1.75 2.61 2.53
CA ARG A 104 2.61 1.50 2.14
C ARG A 104 3.96 2.05 1.63
N TYR A 105 3.93 3.20 0.93
CA TYR A 105 5.13 3.87 0.40
C TYR A 105 6.05 4.34 1.52
N PHE A 106 5.50 5.06 2.51
CA PHE A 106 6.27 5.60 3.63
C PHE A 106 6.71 4.55 4.63
N SER A 107 5.86 3.54 4.92
CA SER A 107 6.17 2.46 5.84
C SER A 107 7.38 1.58 5.40
N VAL A 108 7.68 1.56 4.09
CA VAL A 108 8.77 0.77 3.51
C VAL A 108 10.02 1.64 3.33
N THR A 109 9.85 2.86 2.77
CA THR A 109 10.93 3.82 2.50
C THR A 109 11.47 4.48 3.75
N ARG A 110 10.59 4.87 4.70
CA ARG A 110 10.95 5.52 5.97
C ARG A 110 10.36 4.72 7.18
N PRO A 111 10.76 3.44 7.44
CA PRO A 111 10.14 2.69 8.54
C PRO A 111 10.29 3.30 9.95
N LEU A 112 11.45 3.90 10.27
CA LEU A 112 11.73 4.50 11.57
C LEU A 112 10.94 5.81 11.83
N SER A 113 11.10 6.83 10.97
CA SER A 113 10.47 8.14 11.12
C SER A 113 8.97 8.20 10.83
N TYR A 114 8.44 7.27 10.00
CA TYR A 114 7.00 7.25 9.68
C TYR A 114 6.20 6.42 10.69
N ARG A 115 6.76 5.31 11.21
CA ARG A 115 6.03 4.49 12.18
C ARG A 115 6.09 5.09 13.60
N ALA A 116 6.08 6.43 13.66
CA ALA A 116 6.04 7.31 14.84
C ALA A 116 4.91 8.32 14.60
N LYS A 117 4.41 8.34 13.34
CA LYS A 117 3.30 9.13 12.82
C LYS A 117 2.16 8.14 12.52
N ARG A 118 2.52 6.89 12.17
CA ARG A 118 1.62 5.79 11.79
C ARG A 118 0.83 5.20 12.97
N THR A 119 -0.17 5.96 13.44
CA THR A 119 -1.06 5.60 14.54
C THR A 119 -2.50 5.40 14.00
N PRO A 120 -3.40 4.65 14.69
CA PRO A 120 -4.78 4.53 14.19
C PRO A 120 -5.50 5.89 14.16
N ARG A 121 -5.11 6.80 15.07
CA ARG A 121 -5.63 8.18 15.17
C ARG A 121 -5.33 8.96 13.88
N ARG A 122 -4.12 8.82 13.33
CA ARG A 122 -3.73 9.51 12.10
C ARG A 122 -4.39 8.90 10.87
N ALA A 123 -4.68 7.56 10.90
CA ALA A 123 -5.35 6.85 9.82
C ALA A 123 -6.78 7.41 9.72
N LEU A 124 -7.51 7.43 10.87
CA LEU A 124 -8.86 8.00 11.00
C LEU A 124 -8.93 9.45 10.50
N LEU A 125 -7.88 10.26 10.80
CA LEU A 125 -7.76 11.65 10.33
C LEU A 125 -7.71 11.71 8.80
N MET A 126 -6.81 10.95 8.19
CA MET A 126 -6.63 10.90 6.74
C MET A 126 -7.84 10.37 6.02
N ILE A 127 -8.55 9.39 6.63
CA ILE A 127 -9.78 8.78 6.09
C ILE A 127 -10.92 9.82 6.00
N GLY A 128 -11.16 10.54 7.11
CA GLY A 128 -12.21 11.54 7.22
C GLY A 128 -12.01 12.67 6.24
N LEU A 129 -10.76 13.17 6.14
CA LEU A 129 -10.41 14.23 5.20
C LEU A 129 -10.57 13.72 3.76
N ALA A 130 -10.32 12.42 3.49
CA ALA A 130 -10.48 11.85 2.15
C ALA A 130 -11.95 11.84 1.75
N TRP A 131 -12.84 11.50 2.70
CA TRP A 131 -14.29 11.49 2.49
C TRP A 131 -14.85 12.91 2.40
N LEU A 132 -14.27 13.86 3.17
CA LEU A 132 -14.69 15.26 3.17
C LEU A 132 -14.29 15.97 1.89
N VAL A 133 -13.04 15.76 1.43
CA VAL A 133 -12.53 16.31 0.17
C VAL A 133 -13.35 15.74 -1.00
N SER A 134 -13.75 14.46 -0.93
CA SER A 134 -14.56 13.80 -1.94
C SER A 134 -15.94 14.45 -2.10
N PHE A 135 -16.56 14.84 -0.97
CA PHE A 135 -17.88 15.44 -0.88
C PHE A 135 -17.86 16.86 -1.39
N VAL A 136 -16.91 17.66 -0.89
CA VAL A 136 -16.70 19.07 -1.22
C VAL A 136 -16.35 19.26 -2.73
N LEU A 137 -15.74 18.23 -3.36
CA LEU A 137 -15.31 18.16 -4.76
C LEU A 137 -16.47 17.92 -5.70
N TRP A 138 -17.37 16.98 -5.38
CA TRP A 138 -18.48 16.65 -6.26
C TRP A 138 -19.83 17.22 -5.90
N ALA A 139 -20.30 17.01 -4.67
CA ALA A 139 -21.66 17.38 -4.25
C ALA A 139 -22.05 18.89 -4.50
N PRO A 140 -21.24 19.95 -4.21
CA PRO A 140 -21.71 21.33 -4.50
C PRO A 140 -21.95 21.63 -5.99
N ALA A 141 -21.08 21.10 -6.87
CA ALA A 141 -21.23 21.31 -8.32
C ALA A 141 -22.34 20.47 -8.89
N ILE A 142 -22.63 19.28 -8.31
CA ILE A 142 -23.74 18.46 -8.79
C ILE A 142 -25.09 19.16 -8.49
N LEU A 143 -25.26 19.62 -7.23
CA LEU A 143 -26.49 20.27 -6.79
C LEU A 143 -26.70 21.71 -7.29
N PHE A 144 -25.63 22.52 -7.40
CA PHE A 144 -25.78 23.94 -7.73
C PHE A 144 -25.38 24.44 -9.13
N TRP A 145 -24.91 23.56 -10.04
CA TRP A 145 -24.54 23.97 -11.40
C TRP A 145 -25.69 24.64 -12.16
N GLN A 146 -26.92 24.06 -12.08
CA GLN A 146 -28.15 24.58 -12.71
C GLN A 146 -28.44 26.03 -12.28
N TYR A 147 -28.10 26.39 -11.03
CA TYR A 147 -28.30 27.73 -10.47
C TYR A 147 -27.24 28.72 -10.94
N LEU A 148 -26.01 28.27 -11.15
CA LEU A 148 -24.94 29.14 -11.66
C LEU A 148 -25.13 29.43 -13.17
N VAL A 149 -25.58 28.41 -13.96
CA VAL A 149 -25.87 28.51 -15.40
C VAL A 149 -27.17 29.29 -15.59
N GLY A 150 -28.14 29.06 -14.71
CA GLY A 150 -29.44 29.73 -14.76
C GLY A 150 -30.55 28.87 -15.31
N GLU A 151 -30.23 27.57 -15.62
CA GLU A 151 -31.17 26.59 -16.17
C GLU A 151 -30.80 25.15 -15.85
N ARG A 152 -31.82 24.31 -15.59
CA ARG A 152 -31.63 22.86 -15.46
C ARG A 152 -31.88 22.33 -16.90
N THR A 153 -30.82 21.82 -17.54
CA THR A 153 -30.87 21.39 -18.94
C THR A 153 -31.06 19.87 -19.05
N VAL A 154 -30.99 19.17 -17.91
CA VAL A 154 -31.27 17.75 -17.77
C VAL A 154 -32.81 17.66 -17.85
N LEU A 155 -33.33 16.90 -18.81
CA LEU A 155 -34.77 16.75 -19.00
C LEU A 155 -35.41 15.88 -17.90
N ALA A 156 -36.74 16.01 -17.72
CA ALA A 156 -37.47 15.17 -16.77
C ALA A 156 -37.51 13.74 -17.38
N GLY A 157 -37.21 12.75 -16.56
CA GLY A 157 -37.12 11.35 -16.99
C GLY A 157 -35.69 10.98 -17.30
N GLN A 158 -34.77 11.95 -17.14
CA GLN A 158 -33.32 11.83 -17.36
C GLN A 158 -32.60 12.19 -16.07
N CYS A 159 -31.50 11.50 -15.80
CA CYS A 159 -30.66 11.76 -14.63
C CYS A 159 -29.21 11.61 -14.99
N TYR A 160 -28.47 12.74 -14.99
CA TYR A 160 -27.03 12.80 -15.28
C TYR A 160 -26.46 14.13 -14.75
N ILE A 161 -25.12 14.26 -14.65
CA ILE A 161 -24.48 15.50 -14.16
C ILE A 161 -24.46 16.52 -15.28
N GLN A 162 -25.08 17.68 -15.03
CA GLN A 162 -25.19 18.78 -15.98
C GLN A 162 -23.85 19.36 -16.43
N PHE A 163 -22.90 19.60 -15.49
CA PHE A 163 -21.60 20.20 -15.83
C PHE A 163 -20.71 19.25 -16.65
N LEU A 164 -20.99 17.93 -16.62
CA LEU A 164 -20.23 16.94 -17.39
C LEU A 164 -20.73 16.79 -18.84
N SER A 165 -21.71 17.60 -19.27
CA SER A 165 -22.24 17.54 -20.63
C SER A 165 -21.15 17.74 -21.71
N GLN A 166 -20.19 18.69 -21.49
CA GLN A 166 -19.11 18.91 -22.45
C GLN A 166 -17.97 17.88 -22.23
N PRO A 167 -17.57 17.12 -23.29
CA PRO A 167 -16.52 16.09 -23.13
C PRO A 167 -15.16 16.51 -22.53
N ILE A 168 -14.67 17.76 -22.81
CA ILE A 168 -13.39 18.25 -22.24
C ILE A 168 -13.44 18.36 -20.70
N ILE A 169 -14.61 18.80 -20.13
CA ILE A 169 -14.82 18.93 -18.69
C ILE A 169 -14.75 17.54 -18.05
N THR A 170 -15.41 16.55 -18.69
CA THR A 170 -15.46 15.13 -18.32
C THR A 170 -14.04 14.55 -18.40
N PHE A 171 -13.26 14.98 -19.41
CA PHE A 171 -11.87 14.57 -19.59
C PHE A 171 -11.00 15.15 -18.47
N GLY A 172 -11.30 16.39 -18.06
CA GLY A 172 -10.65 17.08 -16.95
C GLY A 172 -10.85 16.32 -15.65
N THR A 173 -12.09 15.83 -15.39
CA THR A 173 -12.45 15.03 -14.21
C THR A 173 -11.82 13.64 -14.27
N ALA A 174 -11.67 13.07 -15.48
CA ALA A 174 -11.01 11.78 -15.71
C ALA A 174 -9.51 11.90 -15.42
N MET A 175 -8.89 13.07 -15.75
CA MET A 175 -7.47 13.33 -15.48
C MET A 175 -7.23 13.33 -13.97
N ALA A 176 -8.16 13.96 -13.22
CA ALA A 176 -8.10 14.07 -11.77
C ALA A 176 -8.56 12.80 -11.00
N THR A 177 -9.44 11.96 -11.61
CA THR A 177 -9.96 10.79 -10.88
C THR A 177 -9.40 9.43 -11.37
N PHE A 178 -8.77 9.41 -12.57
CA PHE A 178 -8.20 8.19 -13.13
C PHE A 178 -6.71 8.30 -13.49
N TYR A 179 -6.37 9.02 -14.59
CA TYR A 179 -5.04 9.19 -15.17
C TYR A 179 -3.96 9.61 -14.19
N LEU A 180 -4.17 10.71 -13.44
CA LEU A 180 -3.20 11.18 -12.44
C LEU A 180 -3.15 10.23 -11.24
N PRO A 181 -4.25 9.84 -10.55
CA PRO A 181 -4.11 8.87 -9.45
C PRO A 181 -3.36 7.58 -9.82
N VAL A 182 -3.66 6.98 -11.00
CA VAL A 182 -3.07 5.74 -11.54
C VAL A 182 -1.54 5.91 -11.77
N THR A 183 -1.12 7.01 -12.42
CA THR A 183 0.28 7.32 -12.66
C THR A 183 1.02 7.45 -11.33
N VAL A 184 0.42 8.19 -10.35
CA VAL A 184 0.95 8.37 -8.99
C VAL A 184 1.11 7.02 -8.26
N MET A 185 0.09 6.14 -8.33
CA MET A 185 0.10 4.85 -7.65
C MET A 185 1.05 3.81 -8.26
N CYS A 186 1.27 3.88 -9.60
CA CYS A 186 2.16 2.98 -10.33
C CYS A 186 3.60 3.33 -10.01
N THR A 187 3.90 4.64 -9.92
CA THR A 187 5.19 5.22 -9.59
C THR A 187 5.52 4.90 -8.12
N LEU A 188 4.51 4.99 -7.24
CA LEU A 188 4.61 4.66 -5.82
C LEU A 188 4.95 3.17 -5.65
N TYR A 189 4.27 2.30 -6.42
CA TYR A 189 4.48 0.85 -6.41
C TYR A 189 5.89 0.41 -6.89
N TRP A 190 6.41 1.03 -7.96
CA TRP A 190 7.73 0.71 -8.52
C TRP A 190 8.84 1.07 -7.52
N ARG A 191 8.62 2.15 -6.73
CA ARG A 191 9.51 2.57 -5.64
C ARG A 191 9.40 1.60 -4.46
N ILE A 192 8.16 1.17 -4.11
CA ILE A 192 7.88 0.23 -3.02
C ILE A 192 8.56 -1.12 -3.33
N TYR A 193 8.41 -1.62 -4.56
CA TYR A 193 9.02 -2.88 -5.02
C TYR A 193 10.57 -2.86 -4.98
N ARG A 194 11.20 -1.81 -5.55
CA ARG A 194 12.65 -1.56 -5.59
C ARG A 194 13.24 -1.49 -4.17
N GLU A 195 12.56 -0.77 -3.24
CA GLU A 195 12.97 -0.63 -1.84
C GLU A 195 12.90 -1.98 -1.13
N THR A 196 11.76 -2.70 -1.27
CA THR A 196 11.51 -4.03 -0.68
C THR A 196 12.62 -5.02 -1.03
N GLU A 197 13.01 -5.13 -2.33
CA GLU A 197 14.07 -6.05 -2.74
C GLU A 197 15.45 -5.62 -2.22
N ASN A 198 15.67 -4.28 -2.11
CA ASN A 198 16.91 -3.70 -1.60
C ASN A 198 17.06 -4.02 -0.11
N ARG A 199 16.00 -3.78 0.69
CA ARG A 199 15.95 -4.01 2.13
C ARG A 199 15.98 -5.49 2.50
N ALA A 200 15.36 -6.36 1.67
CA ALA A 200 15.36 -7.80 1.85
C ALA A 200 16.79 -8.34 1.69
N ASN A 201 17.55 -7.81 0.70
CA ASN A 201 18.93 -8.19 0.43
C ASN A 201 19.85 -7.85 1.60
N ILE A 202 19.66 -6.67 2.23
CA ILE A 202 20.43 -6.27 3.41
C ILE A 202 20.08 -7.20 4.60
N PHE A 203 18.80 -7.61 4.71
CA PHE A 203 18.30 -8.50 5.77
C PHE A 203 18.87 -9.90 5.67
N GLU A 204 18.96 -10.44 4.44
CA GLU A 204 19.49 -11.78 4.20
C GLU A 204 21.01 -11.80 4.34
N MET A 205 21.68 -10.66 4.01
CA MET A 205 23.13 -10.48 4.14
C MET A 205 23.54 -10.56 5.63
N LEU A 206 22.86 -9.77 6.47
CA LEU A 206 23.09 -9.68 7.92
C LEU A 206 22.62 -10.95 8.63
N ARG A 207 21.65 -11.70 8.04
CA ARG A 207 21.14 -12.97 8.58
C ARG A 207 22.24 -14.03 8.49
N ILE A 208 23.00 -14.03 7.38
CA ILE A 208 24.11 -14.93 7.12
C ILE A 208 25.32 -14.57 8.02
N ASP A 209 25.70 -13.28 8.02
CA ASP A 209 26.85 -12.71 8.72
C ASP A 209 26.68 -12.54 10.23
N GLU A 210 25.59 -11.87 10.69
CA GLU A 210 25.34 -11.62 12.10
C GLU A 210 24.52 -12.70 12.81
N GLY A 211 23.57 -13.30 12.10
CA GLY A 211 22.71 -14.34 12.65
C GLY A 211 21.39 -13.79 13.18
N LEU A 212 20.30 -14.57 13.02
CA LEU A 212 18.96 -14.21 13.44
C LEU A 212 18.47 -15.08 14.59
N ARG A 213 18.07 -14.43 15.70
CA ARG A 213 17.54 -15.09 16.90
C ARG A 213 16.09 -14.64 17.08
N LEU A 214 15.15 -15.60 17.05
CA LEU A 214 13.72 -15.30 17.23
C LEU A 214 13.28 -15.22 18.69
N LYS A 215 14.20 -15.52 19.64
CA LYS A 215 13.96 -15.49 21.08
C LYS A 215 14.91 -14.47 21.79
N ILE A 216 14.43 -13.83 22.89
CA ILE A 216 15.21 -12.85 23.68
C ILE A 216 16.54 -13.46 24.16
N TYR A 217 17.66 -12.77 23.89
CA TYR A 217 19.00 -13.20 24.29
C TYR A 217 19.81 -12.01 24.84
N LYS A 218 21.02 -12.27 25.38
CA LYS A 218 21.90 -11.24 25.91
C LYS A 218 23.03 -10.98 24.91
N ASP A 219 23.32 -9.70 24.62
CA ASP A 219 24.41 -9.34 23.71
C ASP A 219 25.76 -9.39 24.46
N THR A 220 26.89 -9.01 23.80
CA THR A 220 28.24 -9.03 24.44
C THR A 220 28.29 -8.24 25.75
N GLU A 221 27.53 -7.13 25.83
CA GLU A 221 27.45 -6.25 27.00
C GLU A 221 26.49 -6.78 28.08
N GLY A 222 25.74 -7.83 27.75
CA GLY A 222 24.77 -8.45 28.65
C GLY A 222 23.38 -7.84 28.63
N TYR A 223 23.07 -7.03 27.59
CA TYR A 223 21.74 -6.39 27.45
C TYR A 223 20.80 -7.27 26.61
N TYR A 224 19.50 -7.27 26.98
CA TYR A 224 18.47 -8.01 26.27
C TYR A 224 18.29 -7.52 24.85
N THR A 225 18.38 -8.46 23.91
CA THR A 225 18.35 -8.29 22.48
C THR A 225 17.39 -9.33 21.84
N ILE A 226 17.07 -9.16 20.54
CA ILE A 226 16.21 -10.01 19.71
C ILE A 226 16.54 -9.74 18.23
N GLY A 227 16.25 -10.71 17.36
CA GLY A 227 16.46 -10.63 15.91
C GLY A 227 17.91 -10.50 15.51
N ILE A 228 18.21 -9.55 14.61
CA ILE A 228 19.58 -9.27 14.16
C ILE A 228 20.11 -8.09 14.98
N GLY A 229 20.43 -8.38 16.25
CA GLY A 229 21.00 -7.43 17.20
C GLY A 229 20.15 -6.23 17.60
N HIS A 230 18.81 -6.41 17.68
CA HIS A 230 17.91 -5.33 18.11
C HIS A 230 17.83 -5.22 19.64
N LEU A 231 18.50 -4.19 20.22
CA LEU A 231 18.51 -3.93 21.66
C LEU A 231 17.10 -3.58 22.12
N LEU A 232 16.61 -4.33 23.11
CA LEU A 232 15.27 -4.12 23.64
C LEU A 232 15.32 -3.13 24.79
N THR A 233 16.27 -3.34 25.74
CA THR A 233 16.44 -2.52 26.93
C THR A 233 17.82 -2.69 27.55
N LYS A 234 18.31 -1.65 28.22
CA LYS A 234 19.56 -1.62 28.96
C LYS A 234 19.28 -2.08 30.41
N SER A 235 17.98 -2.16 30.79
CA SER A 235 17.50 -2.58 32.12
C SER A 235 17.80 -4.07 32.37
N PRO A 236 18.31 -4.45 33.58
CA PRO A 236 18.64 -5.86 33.85
C PRO A 236 17.45 -6.72 34.30
N SER A 237 16.32 -6.60 33.59
CA SER A 237 15.08 -7.33 33.84
C SER A 237 14.57 -7.93 32.54
N LEU A 238 14.23 -9.24 32.58
CA LEU A 238 13.71 -9.97 31.42
C LEU A 238 12.26 -9.53 31.11
N ASN A 239 11.47 -9.20 32.16
CA ASN A 239 10.11 -8.70 32.03
C ASN A 239 10.07 -7.31 31.41
N ALA A 240 11.11 -6.47 31.69
CA ALA A 240 11.27 -5.14 31.09
C ALA A 240 11.57 -5.29 29.59
N ALA A 241 12.34 -6.33 29.22
CA ALA A 241 12.66 -6.66 27.83
C ALA A 241 11.42 -7.16 27.09
N LYS A 242 10.62 -8.05 27.73
CA LYS A 242 9.38 -8.61 27.17
C LYS A 242 8.34 -7.49 26.94
N SER A 243 8.23 -6.54 27.90
CA SER A 243 7.30 -5.41 27.83
C SER A 243 7.68 -4.45 26.70
N GLU A 244 9.00 -4.20 26.53
CA GLU A 244 9.52 -3.34 25.46
C GLU A 244 9.35 -3.99 24.10
N LEU A 245 9.34 -5.34 24.05
CA LEU A 245 9.14 -6.12 22.83
C LEU A 245 7.68 -6.02 22.37
N ASP A 246 6.71 -6.25 23.29
CA ASP A 246 5.26 -6.16 23.05
C ASP A 246 4.84 -4.77 22.60
N LYS A 247 5.52 -3.72 23.12
CA LYS A 247 5.31 -2.31 22.80
C LYS A 247 5.77 -2.03 21.36
N ALA A 248 6.84 -2.72 20.90
CA ALA A 248 7.42 -2.60 19.56
C ALA A 248 6.67 -3.43 18.51
N ILE A 249 6.22 -4.65 18.90
CA ILE A 249 5.53 -5.57 18.00
C ILE A 249 4.05 -5.23 17.90
N GLY A 250 3.39 -5.06 19.05
CA GLY A 250 1.97 -4.77 19.12
C GLY A 250 1.14 -5.96 19.52
N ARG A 251 1.77 -6.99 20.12
CA ARG A 251 1.14 -8.24 20.60
C ARG A 251 1.90 -8.87 21.78
N ASN A 252 1.24 -9.78 22.52
CA ASN A 252 1.86 -10.49 23.65
C ASN A 252 2.77 -11.61 23.12
N THR A 253 4.00 -11.23 22.75
CA THR A 253 5.04 -12.07 22.15
C THR A 253 5.59 -13.16 23.06
N ASN A 254 5.70 -12.86 24.39
CA ASN A 254 6.26 -13.72 25.44
C ASN A 254 7.74 -14.07 25.16
N GLY A 255 8.46 -13.09 24.63
CA GLY A 255 9.87 -13.21 24.30
C GLY A 255 10.24 -13.87 22.99
N VAL A 256 9.24 -14.38 22.24
CA VAL A 256 9.45 -15.04 20.95
C VAL A 256 8.74 -14.26 19.84
N ILE A 257 9.41 -14.07 18.68
CA ILE A 257 8.88 -13.32 17.54
C ILE A 257 9.09 -14.07 16.21
N THR A 258 8.36 -13.67 15.16
CA THR A 258 8.50 -14.27 13.82
C THR A 258 9.64 -13.59 13.07
N LYS A 259 10.03 -14.15 11.90
CA LYS A 259 11.10 -13.62 11.03
C LYS A 259 10.71 -12.25 10.46
N ASP A 260 9.40 -12.07 10.13
CA ASP A 260 8.81 -10.84 9.61
C ASP A 260 8.78 -9.71 10.64
N GLU A 261 8.50 -10.05 11.92
CA GLU A 261 8.54 -9.09 13.02
C GLU A 261 10.01 -8.70 13.29
N ALA A 262 10.94 -9.67 13.11
CA ALA A 262 12.39 -9.46 13.26
C ALA A 262 12.96 -8.64 12.08
N GLU A 263 12.30 -8.70 10.90
CA GLU A 263 12.68 -7.96 9.70
C GLU A 263 12.20 -6.51 9.80
N LYS A 264 10.99 -6.30 10.35
CA LYS A 264 10.41 -4.97 10.60
C LYS A 264 11.30 -4.20 11.61
N LEU A 265 11.80 -4.89 12.67
CA LEU A 265 12.69 -4.32 13.68
C LEU A 265 14.06 -3.99 13.09
N PHE A 266 14.53 -4.84 12.15
CA PHE A 266 15.80 -4.68 11.45
C PHE A 266 15.76 -3.50 10.48
N ASN A 267 14.60 -3.26 9.84
CA ASN A 267 14.47 -2.15 8.90
C ASN A 267 14.45 -0.79 9.60
N GLN A 268 14.00 -0.73 10.86
CA GLN A 268 14.07 0.51 11.66
C GLN A 268 15.57 0.76 11.95
N ASP A 269 16.31 -0.32 12.32
CA ASP A 269 17.75 -0.31 12.59
C ASP A 269 18.60 0.11 11.39
N VAL A 270 18.24 -0.33 10.16
CA VAL A 270 18.92 0.07 8.92
C VAL A 270 18.75 1.60 8.76
N ASP A 271 17.53 2.12 9.00
CA ASP A 271 17.22 3.55 8.96
C ASP A 271 18.03 4.34 10.00
N ALA A 272 18.17 3.80 11.24
CA ALA A 272 18.96 4.43 12.31
C ALA A 272 20.44 4.51 11.89
N ALA A 273 20.99 3.42 11.30
CA ALA A 273 22.36 3.32 10.82
C ALA A 273 22.63 4.28 9.65
N VAL A 274 21.71 4.30 8.65
CA VAL A 274 21.78 5.17 7.48
C VAL A 274 21.71 6.66 7.90
N ARG A 275 20.95 6.97 8.97
CA ARG A 275 20.88 8.33 9.52
C ARG A 275 22.27 8.74 10.04
N GLY A 276 22.93 7.80 10.74
CA GLY A 276 24.27 8.00 11.31
C GLY A 276 25.32 8.25 10.25
N ILE A 277 25.33 7.41 9.20
CA ILE A 277 26.26 7.49 8.07
C ILE A 277 26.18 8.87 7.41
N LEU A 278 24.97 9.33 7.08
CA LEU A 278 24.74 10.63 6.43
C LEU A 278 25.03 11.83 7.35
N ARG A 279 25.11 11.62 8.68
CA ARG A 279 25.42 12.65 9.68
C ARG A 279 26.94 12.73 10.00
N ASN A 280 27.68 11.64 9.65
CA ASN A 280 29.13 11.46 9.82
C ASN A 280 29.86 11.97 8.57
N ALA A 281 30.68 13.03 8.73
CA ALA A 281 31.42 13.68 7.64
C ALA A 281 32.45 12.79 6.93
N LYS A 282 32.90 11.69 7.55
CA LYS A 282 33.88 10.76 6.98
C LYS A 282 33.24 9.61 6.17
N LEU A 283 31.97 9.26 6.47
CA LEU A 283 31.21 8.18 5.81
C LEU A 283 30.19 8.69 4.79
N LYS A 284 29.71 9.95 4.94
CA LYS A 284 28.71 10.56 4.05
C LYS A 284 29.16 10.64 2.57
N PRO A 285 30.40 11.10 2.22
CA PRO A 285 30.76 11.16 0.80
C PRO A 285 30.90 9.79 0.15
N VAL A 286 31.49 8.81 0.86
CA VAL A 286 31.67 7.46 0.33
C VAL A 286 30.29 6.78 0.11
N TYR A 287 29.37 6.80 1.11
CA TYR A 287 28.01 6.25 0.99
C TYR A 287 27.22 6.81 -0.20
N ASP A 288 27.32 8.15 -0.43
CA ASP A 288 26.61 8.82 -1.54
C ASP A 288 27.15 8.34 -2.89
N SER A 289 28.47 8.01 -2.95
CA SER A 289 29.16 7.55 -4.15
C SER A 289 28.78 6.13 -4.54
N LEU A 290 28.68 5.23 -3.53
CA LEU A 290 28.39 3.80 -3.68
C LEU A 290 26.99 3.50 -4.22
N ASP A 291 26.87 2.32 -4.87
CA ASP A 291 25.64 1.73 -5.42
C ASP A 291 24.97 0.90 -4.29
N ALA A 292 23.69 0.51 -4.49
CA ALA A 292 22.84 -0.23 -3.53
C ALA A 292 23.50 -1.44 -2.86
N VAL A 293 24.30 -2.23 -3.60
CA VAL A 293 25.00 -3.43 -3.12
C VAL A 293 26.16 -3.06 -2.19
N ARG A 294 26.99 -2.09 -2.60
CA ARG A 294 28.13 -1.63 -1.81
C ARG A 294 27.73 -0.81 -0.59
N ARG A 295 26.52 -0.19 -0.65
CA ARG A 295 25.92 0.58 0.45
C ARG A 295 25.58 -0.39 1.59
N ALA A 296 25.07 -1.58 1.23
CA ALA A 296 24.71 -2.66 2.15
C ALA A 296 25.95 -3.24 2.84
N ALA A 297 27.09 -3.34 2.10
CA ALA A 297 28.35 -3.83 2.63
C ALA A 297 28.89 -2.85 3.68
N LEU A 298 28.67 -1.53 3.48
CA LEU A 298 29.07 -0.47 4.42
C LEU A 298 28.17 -0.50 5.67
N ILE A 299 26.85 -0.70 5.47
CA ILE A 299 25.84 -0.86 6.53
C ILE A 299 26.22 -2.09 7.38
N ASN A 300 26.58 -3.23 6.72
CA ASN A 300 27.06 -4.46 7.37
C ASN A 300 28.21 -4.11 8.31
N MET A 301 29.24 -3.40 7.81
CA MET A 301 30.40 -2.96 8.60
C MET A 301 30.01 -2.09 9.81
N VAL A 302 29.06 -1.15 9.62
CA VAL A 302 28.53 -0.25 10.65
C VAL A 302 27.82 -1.06 11.74
N PHE A 303 26.99 -2.05 11.34
CA PHE A 303 26.28 -2.93 12.26
C PHE A 303 27.25 -3.74 13.12
N GLN A 304 28.41 -4.13 12.56
CA GLN A 304 29.42 -4.91 13.28
C GLN A 304 30.34 -4.09 14.19
N MET A 305 31.01 -3.04 13.64
CA MET A 305 32.03 -2.24 14.36
C MET A 305 31.57 -0.93 14.95
N GLY A 306 30.45 -0.40 14.47
CA GLY A 306 29.94 0.90 14.89
C GLY A 306 30.32 1.98 13.90
N GLU A 307 29.84 3.21 14.15
CA GLU A 307 30.09 4.39 13.32
C GLU A 307 31.58 4.79 13.22
N THR A 308 32.24 5.03 14.38
CA THR A 308 33.66 5.45 14.43
C THR A 308 34.63 4.37 13.91
N GLY A 309 34.30 3.10 14.15
CA GLY A 309 35.08 1.95 13.71
C GLY A 309 35.30 1.94 12.21
N VAL A 310 34.19 2.03 11.45
CA VAL A 310 34.18 2.08 9.97
C VAL A 310 34.85 3.39 9.50
N ALA A 311 34.65 4.50 10.24
CA ALA A 311 35.24 5.80 9.95
C ALA A 311 36.76 5.76 10.12
N GLY A 312 37.27 4.79 10.89
CA GLY A 312 38.69 4.59 11.10
C GLY A 312 39.43 4.13 9.86
N PHE A 313 38.72 3.50 8.91
CA PHE A 313 39.28 3.01 7.64
C PHE A 313 39.36 4.14 6.59
N THR A 314 40.10 5.22 6.90
CA THR A 314 40.29 6.43 6.08
C THR A 314 40.67 6.17 4.60
N ASN A 315 41.74 5.40 4.34
CA ASN A 315 42.25 5.12 2.99
C ASN A 315 41.37 4.17 2.18
N SER A 316 40.75 3.17 2.83
CA SER A 316 39.83 2.23 2.17
C SER A 316 38.60 3.00 1.72
N LEU A 317 38.06 3.90 2.59
CA LEU A 317 36.90 4.73 2.31
C LEU A 317 37.15 5.65 1.09
N ARG A 318 38.38 6.19 0.98
CA ARG A 318 38.78 7.04 -0.13
C ARG A 318 38.82 6.29 -1.45
N MET A 319 39.37 5.05 -1.44
CA MET A 319 39.47 4.19 -2.63
C MET A 319 38.12 3.70 -3.11
N LEU A 320 37.18 3.45 -2.18
CA LEU A 320 35.81 3.01 -2.50
C LEU A 320 35.02 4.09 -3.25
N GLN A 321 35.19 5.39 -2.90
CA GLN A 321 34.50 6.49 -3.59
C GLN A 321 35.23 6.89 -4.89
N GLN A 322 36.47 6.40 -5.07
CA GLN A 322 37.30 6.58 -6.25
C GLN A 322 37.08 5.42 -7.25
N LYS A 323 36.22 4.45 -6.86
CA LYS A 323 35.84 3.24 -7.62
C LYS A 323 37.04 2.29 -7.84
N ARG A 324 38.04 2.37 -6.95
CA ARG A 324 39.25 1.54 -6.93
C ARG A 324 39.00 0.47 -5.87
N TRP A 325 38.16 -0.52 -6.21
CA TRP A 325 37.72 -1.57 -5.31
C TRP A 325 38.76 -2.62 -4.99
N ASP A 326 39.60 -3.02 -5.97
CA ASP A 326 40.67 -4.00 -5.76
C ASP A 326 41.65 -3.49 -4.71
N GLU A 327 41.97 -2.18 -4.78
CA GLU A 327 42.88 -1.49 -3.85
C GLU A 327 42.24 -1.34 -2.46
N ALA A 328 40.96 -0.96 -2.39
CA ALA A 328 40.20 -0.80 -1.14
C ALA A 328 40.12 -2.13 -0.33
N ALA A 329 40.00 -3.26 -1.06
CA ALA A 329 39.92 -4.63 -0.56
C ALA A 329 41.20 -5.06 0.17
N VAL A 330 42.37 -4.56 -0.29
CA VAL A 330 43.67 -4.86 0.27
C VAL A 330 43.79 -4.30 1.69
N ASN A 331 43.43 -3.01 1.87
CA ASN A 331 43.50 -2.28 3.13
C ASN A 331 42.50 -2.75 4.17
N LEU A 332 41.29 -3.16 3.72
CA LEU A 332 40.24 -3.67 4.60
C LEU A 332 40.61 -5.04 5.21
N ALA A 333 41.27 -5.93 4.41
CA ALA A 333 41.71 -7.26 4.85
C ALA A 333 42.81 -7.21 5.90
N LYS A 334 43.65 -6.16 5.85
CA LYS A 334 44.75 -5.99 6.80
C LYS A 334 44.28 -5.20 8.03
N SER A 335 43.31 -5.78 8.77
CA SER A 335 42.70 -5.19 9.97
C SER A 335 42.38 -6.23 11.06
N ARG A 336 42.15 -5.76 12.30
CA ARG A 336 41.74 -6.57 13.46
C ARG A 336 40.37 -7.20 13.18
N TRP A 337 39.53 -6.52 12.37
CA TRP A 337 38.20 -6.94 11.91
C TRP A 337 38.29 -8.26 11.14
N TYR A 338 39.18 -8.33 10.12
CA TYR A 338 39.38 -9.54 9.32
C TYR A 338 39.92 -10.67 10.20
N ASN A 339 40.89 -10.37 11.09
CA ASN A 339 41.48 -11.36 11.99
C ASN A 339 40.45 -12.04 12.91
N GLN A 340 39.46 -11.30 13.41
CA GLN A 340 38.42 -11.80 14.30
C GLN A 340 37.30 -12.58 13.56
N THR A 341 36.75 -11.99 12.47
CA THR A 341 35.68 -12.60 11.67
C THR A 341 36.13 -12.79 10.20
N PRO A 342 37.10 -13.71 9.90
CA PRO A 342 37.59 -13.86 8.50
C PRO A 342 36.53 -14.19 7.45
N ASN A 343 35.59 -15.10 7.77
CA ASN A 343 34.53 -15.50 6.85
C ASN A 343 33.60 -14.36 6.52
N ARG A 344 33.16 -13.60 7.55
CA ARG A 344 32.29 -12.45 7.39
C ARG A 344 33.02 -11.31 6.68
N ALA A 345 34.28 -11.00 7.11
CA ALA A 345 35.06 -9.91 6.50
C ALA A 345 35.33 -10.13 5.00
N LYS A 346 35.73 -11.37 4.61
CA LYS A 346 35.96 -11.72 3.22
C LYS A 346 34.70 -11.48 2.39
N ARG A 347 33.53 -11.98 2.85
CA ARG A 347 32.24 -11.79 2.18
C ARG A 347 31.88 -10.31 1.97
N VAL A 348 32.12 -9.45 2.98
CA VAL A 348 31.86 -8.01 2.88
C VAL A 348 32.83 -7.36 1.89
N ILE A 349 34.14 -7.68 2.00
CA ILE A 349 35.19 -7.15 1.13
C ILE A 349 34.95 -7.55 -0.36
N THR A 350 34.47 -8.80 -0.60
CA THR A 350 34.16 -9.31 -1.95
C THR A 350 32.99 -8.53 -2.54
N THR A 351 31.98 -8.18 -1.70
CA THR A 351 30.82 -7.40 -2.09
C THR A 351 31.30 -6.02 -2.60
N PHE A 352 32.27 -5.41 -1.89
CA PHE A 352 32.91 -4.13 -2.27
C PHE A 352 33.71 -4.29 -3.57
N ARG A 353 34.34 -5.46 -3.76
CA ARG A 353 35.15 -5.76 -4.95
C ARG A 353 34.29 -5.96 -6.21
N THR A 354 33.34 -6.91 -6.18
CA THR A 354 32.48 -7.30 -7.31
C THR A 354 31.25 -6.40 -7.57
N GLY A 355 30.66 -5.83 -6.51
CA GLY A 355 29.47 -5.00 -6.60
C GLY A 355 28.19 -5.79 -6.81
N THR A 356 28.29 -7.10 -6.58
CA THR A 356 27.21 -8.09 -6.73
C THR A 356 27.03 -8.79 -5.38
N TRP A 357 26.08 -9.73 -5.33
CA TRP A 357 25.77 -10.53 -4.14
C TRP A 357 26.37 -11.95 -4.24
N ASP A 358 27.38 -12.14 -5.14
CA ASP A 358 28.04 -13.42 -5.42
C ASP A 358 28.66 -14.12 -4.20
N ALA A 359 29.13 -13.35 -3.17
CA ALA A 359 29.71 -13.89 -1.91
C ALA A 359 28.65 -14.60 -1.06
N TYR A 360 27.38 -14.25 -1.26
CA TYR A 360 26.19 -14.82 -0.63
C TYR A 360 25.42 -15.52 -1.78
N THR A 361 24.29 -16.16 -1.49
CA THR A 361 23.45 -16.79 -2.54
C THR A 361 22.03 -16.34 -2.22
N PHE A 362 21.60 -15.23 -2.84
CA PHE A 362 20.30 -14.67 -2.53
C PHE A 362 19.17 -15.17 -3.40
N SER A 363 18.03 -15.38 -2.74
CA SER A 363 16.78 -15.76 -3.36
C SER A 363 16.16 -14.49 -3.92
N LEU A 364 15.15 -14.65 -4.79
CA LEU A 364 14.41 -13.55 -5.37
C LEU A 364 13.56 -12.95 -4.24
N VAL A 365 13.16 -11.68 -4.37
CA VAL A 365 12.37 -10.99 -3.34
C VAL A 365 11.03 -11.73 -3.08
N LYS A 366 10.84 -12.17 -1.84
CA LYS A 366 9.62 -12.81 -1.35
C LYS A 366 8.56 -11.70 -1.26
N GLU A 367 7.58 -11.73 -2.17
CA GLU A 367 6.52 -10.71 -2.22
C GLU A 367 5.49 -10.96 -1.12
N LYS A 368 5.52 -10.14 -0.07
CA LYS A 368 4.58 -10.30 1.04
C LYS A 368 3.18 -9.86 0.67
N ALA A 369 2.17 -10.44 1.35
CA ALA A 369 0.74 -10.22 1.19
C ALA A 369 0.35 -8.75 0.99
N ALA A 370 1.03 -7.82 1.68
CA ALA A 370 0.80 -6.38 1.62
C ALA A 370 1.12 -5.81 0.24
N LEU A 371 2.29 -6.18 -0.31
CA LEU A 371 2.78 -5.77 -1.63
C LEU A 371 1.85 -6.34 -2.71
N ARG A 372 1.54 -7.64 -2.61
CA ARG A 372 0.66 -8.35 -3.53
C ARG A 372 -0.75 -7.77 -3.53
N THR A 373 -1.32 -7.44 -2.33
CA THR A 373 -2.67 -6.84 -2.18
C THR A 373 -2.74 -5.49 -2.88
N LEU A 374 -1.72 -4.64 -2.64
CA LEU A 374 -1.55 -3.30 -3.23
C LEU A 374 -1.54 -3.38 -4.75
N SER A 375 -0.74 -4.30 -5.32
CA SER A 375 -0.64 -4.53 -6.76
C SER A 375 -1.99 -5.00 -7.32
N ALA A 376 -2.65 -5.97 -6.65
CA ALA A 376 -3.95 -6.53 -7.05
C ALA A 376 -5.07 -5.45 -7.09
N ILE A 377 -5.24 -4.66 -6.00
CA ILE A 377 -6.28 -3.61 -5.93
C ILE A 377 -5.99 -2.48 -6.93
N LEU A 378 -4.69 -2.23 -7.24
CA LEU A 378 -4.30 -1.21 -8.21
C LEU A 378 -4.68 -1.69 -9.61
N LEU A 379 -4.40 -2.97 -9.91
CA LEU A 379 -4.75 -3.58 -11.19
C LEU A 379 -6.27 -3.74 -11.35
N ALA A 380 -6.99 -3.91 -10.21
CA ALA A 380 -8.45 -4.04 -10.18
C ALA A 380 -9.08 -2.72 -10.56
N PHE A 381 -8.48 -1.60 -10.07
CA PHE A 381 -8.94 -0.25 -10.40
C PHE A 381 -8.64 0.08 -11.89
N ILE A 382 -7.41 -0.21 -12.36
CA ILE A 382 -7.03 0.02 -13.76
C ILE A 382 -7.92 -0.81 -14.71
N LEU A 383 -8.14 -2.10 -14.42
CA LEU A 383 -8.94 -2.96 -15.28
C LEU A 383 -10.39 -2.52 -15.46
N THR A 384 -11.08 -2.20 -14.38
CA THR A 384 -12.51 -1.90 -14.38
C THR A 384 -12.85 -0.48 -14.76
N TRP A 385 -11.92 0.48 -14.58
CA TRP A 385 -12.15 1.88 -14.92
C TRP A 385 -11.58 2.30 -16.25
N THR A 386 -10.77 1.43 -16.90
CA THR A 386 -10.19 1.73 -18.22
C THR A 386 -11.30 1.86 -19.30
N PRO A 387 -12.24 0.89 -19.52
CA PRO A 387 -13.27 1.08 -20.57
C PRO A 387 -13.99 2.44 -20.55
N TYR A 388 -14.49 2.91 -19.38
CA TYR A 388 -15.16 4.20 -19.24
C TYR A 388 -14.24 5.40 -19.61
N ASN A 389 -12.95 5.37 -19.17
CA ASN A 389 -11.99 6.44 -19.45
C ASN A 389 -11.54 6.46 -20.89
N ILE A 390 -11.58 5.30 -21.58
CA ILE A 390 -11.28 5.26 -23.01
C ILE A 390 -12.46 5.86 -23.75
N MET A 391 -13.70 5.57 -23.28
CA MET A 391 -14.96 6.12 -23.84
C MET A 391 -14.96 7.64 -23.70
N VAL A 392 -14.51 8.17 -22.55
CA VAL A 392 -14.36 9.62 -22.29
C VAL A 392 -13.34 10.23 -23.29
N LEU A 393 -12.18 9.58 -23.43
CA LEU A 393 -11.09 9.96 -24.33
C LEU A 393 -11.59 10.09 -25.76
N VAL A 394 -12.31 9.07 -26.26
CA VAL A 394 -12.80 9.07 -27.65
C VAL A 394 -13.96 10.10 -27.86
N SER A 395 -14.79 10.35 -26.83
CA SER A 395 -15.88 11.32 -26.89
C SER A 395 -15.38 12.78 -27.07
N THR A 396 -14.12 13.08 -26.66
CA THR A 396 -13.52 14.42 -26.82
C THR A 396 -13.12 14.66 -28.29
N PHE A 397 -12.73 13.60 -29.02
CA PHE A 397 -12.33 13.63 -30.43
C PHE A 397 -13.50 13.39 -31.37
N CYS A 398 -14.61 12.87 -30.85
CA CYS A 398 -15.78 12.57 -31.67
C CYS A 398 -17.10 12.79 -30.92
N LYS A 399 -17.91 13.75 -31.40
CA LYS A 399 -19.19 14.09 -30.76
C LYS A 399 -20.28 13.03 -30.98
N ASP A 400 -20.74 12.41 -29.86
CA ASP A 400 -21.78 11.39 -29.78
C ASP A 400 -21.39 10.07 -30.49
N CYS A 401 -20.08 9.84 -30.65
CA CYS A 401 -19.50 8.63 -31.22
C CYS A 401 -19.91 7.44 -30.39
N VAL A 402 -19.63 7.51 -29.06
CA VAL A 402 -19.87 6.49 -28.05
C VAL A 402 -21.36 6.21 -27.93
N PRO A 403 -21.79 4.95 -28.18
CA PRO A 403 -23.23 4.63 -28.05
C PRO A 403 -23.68 4.60 -26.60
N GLU A 404 -24.98 4.84 -26.36
CA GLU A 404 -25.62 4.81 -25.05
C GLU A 404 -25.37 3.46 -24.35
N THR A 405 -25.46 2.34 -25.13
CA THR A 405 -25.21 0.97 -24.65
C THR A 405 -23.79 0.85 -24.08
N LEU A 406 -22.80 1.49 -24.73
CA LEU A 406 -21.42 1.44 -24.27
C LEU A 406 -21.19 2.24 -23.00
N TRP A 407 -21.82 3.43 -22.89
CA TRP A 407 -21.76 4.20 -21.65
C TRP A 407 -22.29 3.34 -20.53
N GLU A 408 -23.45 2.68 -20.74
CA GLU A 408 -24.12 1.78 -19.79
C GLU A 408 -23.24 0.64 -19.29
N LEU A 409 -22.50 -0.01 -20.19
CA LEU A 409 -21.62 -1.13 -19.88
C LEU A 409 -20.34 -0.70 -19.18
N GLY A 410 -19.77 0.44 -19.59
CA GLY A 410 -18.57 1.02 -18.97
C GLY A 410 -18.82 1.46 -17.55
N TYR A 411 -20.06 1.95 -17.26
CA TYR A 411 -20.54 2.35 -15.92
C TYR A 411 -20.62 1.11 -15.02
N TRP A 412 -21.11 -0.01 -15.57
CA TRP A 412 -21.25 -1.29 -14.87
C TRP A 412 -19.90 -1.85 -14.51
N LEU A 413 -18.92 -1.72 -15.40
CA LEU A 413 -17.56 -2.16 -15.17
C LEU A 413 -16.90 -1.35 -14.04
N CYS A 414 -17.22 -0.05 -13.92
CA CYS A 414 -16.70 0.81 -12.83
C CYS A 414 -17.17 0.26 -11.50
N TYR A 415 -18.44 -0.18 -11.46
CA TYR A 415 -19.11 -0.79 -10.31
C TYR A 415 -18.51 -2.13 -9.94
N VAL A 416 -18.07 -2.93 -10.94
CA VAL A 416 -17.42 -4.25 -10.76
C VAL A 416 -16.14 -4.13 -9.88
N ASN A 417 -15.46 -2.96 -9.87
CA ASN A 417 -14.29 -2.73 -9.02
C ASN A 417 -14.64 -2.98 -7.53
N ALA A 418 -15.87 -2.58 -7.12
CA ALA A 418 -16.40 -2.75 -5.76
C ALA A 418 -16.64 -4.24 -5.45
N THR A 419 -16.96 -5.04 -6.48
CA THR A 419 -17.17 -6.49 -6.36
C THR A 419 -15.83 -7.22 -6.27
N ILE A 420 -14.81 -6.82 -7.07
CA ILE A 420 -13.56 -7.56 -7.15
C ILE A 420 -12.53 -7.11 -6.08
N ASN A 421 -12.72 -5.93 -5.44
CA ASN A 421 -11.82 -5.48 -4.36
C ASN A 421 -11.72 -6.48 -3.19
N PRO A 422 -12.84 -7.00 -2.60
CA PRO A 422 -12.72 -7.98 -1.50
C PRO A 422 -12.08 -9.30 -1.92
N MET A 423 -12.20 -9.65 -3.22
CA MET A 423 -11.61 -10.86 -3.84
C MET A 423 -10.07 -10.75 -3.86
N CYS A 424 -9.54 -9.53 -4.08
CA CYS A 424 -8.11 -9.22 -4.10
C CYS A 424 -7.49 -9.47 -2.74
N TYR A 425 -8.18 -9.08 -1.64
CA TYR A 425 -7.75 -9.33 -0.26
C TYR A 425 -7.80 -10.82 0.05
N ALA A 426 -8.87 -11.52 -0.38
CA ALA A 426 -9.02 -12.96 -0.14
C ALA A 426 -7.99 -13.80 -0.90
N LEU A 427 -7.62 -13.41 -2.13
CA LEU A 427 -6.64 -14.13 -2.94
C LEU A 427 -5.19 -13.93 -2.47
N CYS A 428 -4.86 -12.71 -1.97
CA CYS A 428 -3.51 -12.28 -1.55
C CYS A 428 -3.20 -12.44 -0.06
N ASN A 429 -4.22 -12.42 0.81
CA ASN A 429 -4.05 -12.43 2.27
C ASN A 429 -4.73 -13.63 2.94
N LYS A 430 -3.93 -14.60 3.44
CA LYS A 430 -4.39 -15.83 4.13
C LYS A 430 -5.36 -15.55 5.28
N ALA A 431 -5.02 -14.58 6.15
CA ALA A 431 -5.84 -14.17 7.30
C ALA A 431 -7.24 -13.68 6.87
N PHE A 432 -7.34 -12.93 5.75
CA PHE A 432 -8.62 -12.47 5.22
C PHE A 432 -9.47 -13.63 4.68
N ARG A 433 -8.86 -14.49 3.84
CA ARG A 433 -9.45 -15.69 3.23
C ARG A 433 -10.04 -16.64 4.30
N ASP A 434 -9.29 -16.88 5.39
CA ASP A 434 -9.74 -17.76 6.47
C ASP A 434 -10.84 -17.12 7.32
N THR A 435 -10.79 -15.80 7.53
CA THR A 435 -11.82 -15.10 8.30
C THR A 435 -13.11 -15.02 7.48
N PHE A 436 -13.01 -14.81 6.14
CA PHE A 436 -14.15 -14.76 5.22
C PHE A 436 -14.85 -16.11 5.28
N ARG A 437 -14.07 -17.20 5.19
CA ARG A 437 -14.52 -18.60 5.26
C ARG A 437 -15.20 -18.85 6.61
N LEU A 438 -14.52 -18.53 7.74
CA LEU A 438 -15.06 -18.66 9.11
C LEU A 438 -16.42 -17.96 9.23
N LEU A 439 -16.52 -16.69 8.79
CA LEU A 439 -17.75 -15.90 8.84
C LEU A 439 -18.90 -16.49 8.01
N LEU A 440 -18.59 -16.97 6.79
CA LEU A 440 -19.58 -17.57 5.89
C LEU A 440 -20.11 -18.89 6.45
N LEU A 441 -19.23 -19.71 7.03
CA LEU A 441 -19.58 -21.00 7.66
C LEU A 441 -20.40 -20.77 8.93
N ALA A 442 -20.07 -19.72 9.71
CA ALA A 442 -20.76 -19.35 10.95
C ALA A 442 -22.17 -18.85 10.65
N ARG A 443 -22.34 -18.13 9.53
CA ARG A 443 -23.64 -17.61 9.11
C ARG A 443 -24.52 -18.72 8.54
N TRP A 444 -23.90 -19.72 7.88
CA TRP A 444 -24.58 -20.89 7.33
C TRP A 444 -25.17 -21.75 8.45
N ASP A 445 -24.46 -21.82 9.60
CA ASP A 445 -24.88 -22.50 10.83
C ASP A 445 -25.85 -21.53 11.54
N HIS A 446 -27.07 -21.99 11.90
CA HIS A 446 -28.15 -21.18 12.52
C HIS A 446 -28.73 -20.17 11.52
C1 QK8 B . -22.87 5.23 -13.01
N1 QK8 B . -26.90 6.74 -11.57
O1 QK8 B . -27.35 6.90 -13.79
C2 QK8 B . -24.39 5.30 -12.70
N2 QK8 B . -17.66 7.81 -11.94
O2 QK8 B . -16.17 9.63 -12.25
C3 QK8 B . -25.05 6.61 -13.24
N3 QK8 B . -22.16 6.55 -12.57
O3 QK8 B . -16.94 9.11 -10.15
C4 QK8 B . -24.28 7.92 -12.87
C5 QK8 B . -22.77 7.84 -13.20
C6 QK8 B . -26.55 6.75 -12.88
C7 QK8 B . -28.22 6.91 -10.97
C8 QK8 B . -28.88 8.27 -11.32
C9 QK8 B . -28.26 8.84 -10.04
C10 QK8 B . -20.61 6.45 -12.54
C11 QK8 B . -20.06 7.17 -11.28
C12 QK8 B . -18.53 7.02 -11.03
C13 QK8 B . -17.42 7.33 -13.33
C15 QK8 B . -19.94 6.85 -13.89
C16 QK8 B . -16.87 8.92 -11.50
C17 QK8 B . -16.07 10.00 -9.43
C18 QK8 B . -14.67 9.42 -9.23
C19 QK8 B . -28.14 7.40 -9.52
C20 QK8 B . -29.15 5.70 -11.14
C14 QK8 B . -18.46 6.41 -14.02
C1 OLA C . -17.13 3.77 -30.68
O1 OLA C . -17.24 4.91 -31.15
O2 OLA C . -17.99 2.89 -30.82
C2 OLA C . -15.87 3.41 -29.89
C3 OLA C . -15.92 3.67 -28.42
C4 OLA C . -15.92 2.39 -27.60
C5 OLA C . -14.62 2.10 -26.89
C6 OLA C . -14.68 0.96 -25.89
C7 OLA C . -13.48 0.88 -24.96
C8 OLA C . -13.29 -0.44 -24.28
C9 OLA C . -11.96 -1.08 -24.55
C10 OLA C . -10.80 -0.71 -24.09
C11 OLA C . -9.70 -0.09 -24.90
C12 OLA C . -8.41 -0.84 -24.81
C13 OLA C . -7.16 0.01 -24.68
C14 OLA C . -6.70 0.24 -23.25
C15 OLA C . -5.55 -0.66 -22.80
C16 OLA C . -5.73 -1.26 -21.43
C17 OLA C . -4.61 -1.05 -20.43
C18 OLA C . -4.96 -1.57 -19.06
C1 OLA D . -24.58 6.40 4.33
O1 OLA D . -25.08 5.39 4.89
O2 OLA D . -25.06 6.90 3.28
C2 OLA D . -23.37 7.06 4.96
C3 OLA D . -22.08 6.29 4.88
C4 OLA D . -20.86 7.19 4.86
C5 OLA D . -19.57 6.50 5.22
C6 OLA D . -18.62 7.32 6.07
C7 OLA D . -17.18 6.82 6.09
C8 OLA D . -16.87 5.91 7.22
C9 OLA D . -15.58 5.14 7.05
C10 OLA D . -15.01 4.37 7.96
C11 OLA D . -14.10 4.84 9.04
C12 OLA D . -12.99 3.88 9.34
C13 OLA D . -13.11 3.16 10.68
C14 OLA D . -12.20 1.96 10.83
C15 OLA D . -12.43 1.17 12.10
C16 OLA D . -11.81 -0.21 12.09
C17 OLA D . -11.77 -0.90 13.44
C18 OLA D . -10.39 -1.33 13.88
C1 OLA E . -28.00 -2.93 -21.47
O1 OLA E . -28.92 -2.17 -21.85
O2 OLA E . -27.36 -3.67 -22.25
C2 OLA E . -27.65 -2.96 -19.99
C3 OLA E . -28.20 -4.15 -19.27
C4 OLA E . -27.54 -4.39 -17.93
C5 OLA E . -26.65 -5.59 -17.86
C6 OLA E . -26.66 -6.31 -16.53
C7 OLA E . -25.56 -5.90 -15.57
C8 OLA E . -24.48 -6.92 -15.38
C9 OLA E . -23.17 -6.34 -14.95
C10 OLA E . -22.00 -6.53 -15.51
C11 OLA E . -21.67 -6.37 -16.96
C12 OLA E . -20.39 -5.65 -17.20
C13 OLA E . -20.12 -5.33 -18.67
C14 OLA E . -19.13 -6.26 -19.34
C15 OLA E . -19.02 -6.05 -20.84
C16 OLA E . -19.20 -7.31 -21.66
C17 OLA E . -19.14 -7.11 -23.15
C18 OLA E . -20.26 -7.81 -23.90
C1 OLA F . 0.25 11.10 4.18
O1 OLA F . 0.19 9.99 4.78
O2 OLA F . 0.53 12.17 4.74
C2 OLA F . -0.04 11.12 2.68
C3 OLA F . -1.47 10.91 2.34
C4 OLA F . -1.86 11.55 1.02
C5 OLA F . -2.84 10.76 0.21
C6 OLA F . -3.38 11.47 -1.01
C7 OLA F . -4.72 12.16 -0.83
C8 OLA F . -5.83 11.29 -0.34
C9 OLA F . -6.46 11.77 0.95
C10 OLA F . -6.97 12.95 1.22
C11 OLA F . -6.82 13.69 2.51
C12 OLA F . -5.74 14.72 2.47
C13 OLA F . -4.36 14.18 2.85
C14 OLA F . -3.48 15.17 3.58
C15 OLA F . -2.05 14.73 3.76
C16 OLA F . -1.09 15.82 4.14
C17 OLA F . 0.37 15.44 4.04
C18 OLA F . 1.11 15.49 5.36
C1 OLA G . -40.79 4.38 -8.43
O1 OLA G . -41.25 3.56 -9.25
O2 OLA G . -40.89 5.61 -8.58
C2 OLA G . -40.08 3.85 -7.20
C3 OLA G . -38.97 2.88 -7.45
C4 OLA G . -37.61 3.40 -7.00
C5 OLA G . -37.17 2.88 -5.65
C6 OLA G . -35.67 2.87 -5.46
C7 OLA G . -35.15 1.73 -4.60
C8 OLA G . -34.14 0.84 -5.26
C9 OLA G . -32.73 1.30 -5.10
C10 OLA G . -31.93 1.08 -4.08
C11 OLA G . -31.37 2.12 -3.16
C12 OLA G . -31.51 1.75 -1.71
C13 OLA G . -30.24 1.18 -1.09
C14 OLA G . -29.79 1.87 0.19
C15 OLA G . -28.33 1.69 0.52
C16 OLA G . -27.67 2.88 1.16
C17 OLA G . -26.16 2.86 1.19
C18 OLA G . -25.54 1.97 2.26
C1 OLA H . 21.94 -1.37 15.61
O1 OLA H . 22.31 -0.94 16.71
O2 OLA H . 21.68 -0.64 14.62
C2 OLA H . 21.78 -2.88 15.45
C3 OLA H . 23.05 -3.65 15.60
C4 OLA H . 22.95 -5.08 15.12
C5 OLA H . 24.28 -5.77 14.92
C6 OLA H . 24.73 -6.67 16.05
C7 OLA H . 25.33 -5.95 17.26
C8 OLA H . 26.80 -5.70 17.20
C9 OLA H . 27.25 -4.69 18.21
C10 OLA H . 28.18 -3.76 18.09
C11 OLA H . 28.28 -2.66 17.08
C12 OLA H . 27.27 -1.57 17.27
C13 OLA H . 26.67 -1.04 15.98
C14 OLA H . 25.77 0.17 16.13
C15 OLA H . 26.24 1.41 15.41
C16 OLA H . 26.84 2.46 16.30
C17 OLA H . 26.05 3.74 16.40
C18 OLA H . 26.13 4.42 17.75
C1 PGE I . -31.82 3.56 -21.41
O1 PGE I . -32.11 4.01 -22.74
C2 PGE I . -32.09 4.62 -20.37
O2 PGE I . -31.53 4.22 -19.12
C3 PGE I . -30.59 5.16 -18.61
C4 PGE I . -29.27 4.49 -18.35
O4 PGE I . -26.14 6.36 -20.60
C6 PGE I . -26.47 6.48 -19.22
C5 PGE I . -27.03 5.21 -18.64
O3 PGE I . -28.28 5.46 -18.03
P PO4 J . 43.04 2.61 6.17
O1 PO4 J . 42.89 1.89 7.60
O2 PO4 J . 44.25 2.04 5.40
O3 PO4 J . 43.25 4.18 6.38
O4 PO4 J . 41.72 2.32 5.31
P PO4 K . 33.61 -15.88 11.08
O1 PO4 K . 33.64 -15.44 12.63
O2 PO4 K . 32.49 -16.93 10.85
O3 PO4 K . 35.02 -16.51 10.67
O4 PO4 K . 33.32 -14.60 10.17
C1 OLA L . -28.53 -3.30 -26.91
O1 OLA L . -28.96 -3.43 -25.74
O2 OLA L . -29.05 -2.55 -27.75
C2 OLA L . -27.30 -4.10 -27.33
C3 OLA L . -26.97 -5.30 -26.50
C4 OLA L . -25.47 -5.45 -26.27
C5 OLA L . -25.07 -6.70 -25.52
C6 OLA L . -24.70 -6.47 -24.07
C7 OLA L . -25.87 -6.65 -23.11
C8 OLA L . -25.48 -6.62 -21.66
C9 OLA L . -25.23 -7.98 -21.10
C10 OLA L . -24.06 -8.51 -20.87
C11 OLA L . -23.38 -8.61 -19.54
C12 OLA L . -23.89 -9.75 -18.69
C13 OLA L . -23.15 -11.07 -18.88
C14 OLA L . -21.96 -11.27 -17.96
C15 OLA L . -22.28 -11.96 -16.65
C16 OLA L . -22.29 -11.05 -15.45
C17 OLA L . -21.06 -11.10 -14.59
C18 OLA L . -20.55 -9.75 -14.15
C1 OLA M . -31.23 -7.27 -27.52
O1 OLA M . -31.19 -6.34 -26.67
O2 OLA M . -32.28 -7.60 -28.12
C2 OLA M . -29.95 -8.04 -27.80
C3 OLA M . -29.80 -9.32 -27.04
C4 OLA M . -28.39 -9.52 -26.51
C5 OLA M . -28.32 -10.23 -25.18
C6 OLA M . -27.04 -10.01 -24.43
C7 OLA M . -26.44 -11.27 -23.81
C8 OLA M . -24.97 -11.19 -23.54
C9 OLA M . -24.29 -12.52 -23.55
C10 OLA M . -24.07 -13.29 -22.50
C11 OLA M . -25.06 -14.21 -21.87
C12 OLA M . -25.75 -13.61 -20.68
C13 OLA M . -27.05 -14.30 -20.27
C14 OLA M . -27.67 -13.80 -19.00
C15 OLA M . -27.58 -14.75 -17.83
C16 OLA M . -28.86 -15.48 -17.49
C17 OLA M . -29.55 -14.97 -16.25
C18 OLA M . -30.23 -16.03 -15.42
C1 OLA N . -38.63 16.92 -12.37
O1 OLA N . -39.31 15.88 -12.33
O2 OLA N . -38.18 17.40 -13.44
C2 OLA N . -38.33 17.67 -11.07
C3 OLA N . -39.08 17.27 -9.84
C4 OLA N . -38.26 17.36 -8.56
C5 OLA N . -38.86 16.61 -7.40
C6 OLA N . -37.88 16.26 -6.31
C7 OLA N . -37.94 14.82 -5.81
C8 OLA N . -37.92 14.66 -4.32
C9 OLA N . -37.66 13.26 -3.86
C10 OLA N . -37.13 12.88 -2.71
C11 OLA N . -35.68 12.89 -2.35
C12 OLA N . -35.34 11.98 -1.20
C13 OLA N . -34.68 12.67 -0.02
C14 OLA N . -33.80 11.76 0.83
C15 OLA N . -33.07 12.46 1.95
C16 OLA N . -31.62 12.77 1.66
C17 OLA N . -30.76 13.04 2.88
C18 OLA N . -29.33 13.39 2.57
C1 OLA O . -5.15 -18.64 -4.47
O1 OLA O . -5.06 -19.76 -5.03
O2 OLA O . -4.41 -17.67 -4.76
C2 OLA O . -6.17 -18.46 -3.37
C3 OLA O . -7.59 -18.84 -3.70
C4 OLA O . -8.61 -18.15 -2.81
C5 OLA O . -10.03 -18.19 -3.31
C6 OLA O . -10.91 -17.05 -2.86
C7 OLA O . -11.49 -16.23 -3.99
C8 OLA O . -11.74 -14.79 -3.65
C9 OLA O . -13.19 -14.41 -3.64
C10 OLA O . -13.95 -14.21 -2.58
C11 OLA O . -14.18 -12.91 -1.86
C12 OLA O . -15.48 -12.25 -2.21
C13 OLA O . -16.62 -12.58 -1.27
C14 OLA O . -17.66 -13.52 -1.85
C15 OLA O . -18.93 -12.84 -2.29
C16 OLA O . -19.82 -13.70 -3.16
C17 OLA O . -21.23 -13.83 -2.66
C18 OLA O . -22.26 -14.18 -3.71
C1 OLA P . -24.56 28.63 -4.34
O1 OLA P . -24.45 28.98 -3.15
O2 OLA P . -25.64 28.52 -4.93
C2 OLA P . -23.29 28.36 -5.12
C3 OLA P . -22.63 27.05 -4.82
C4 OLA P . -21.31 26.87 -5.57
C5 OLA P . -21.08 25.48 -6.10
C6 OLA P . -19.67 25.22 -6.55
C7 OLA P . -19.51 24.97 -8.05
C8 OLA P . -18.11 25.08 -8.56
C9 OLA P . -17.36 23.78 -8.50
C10 OLA P . -16.07 23.60 -8.65
C11 OLA P . -15.30 22.39 -8.25
C12 OLA P . -15.01 21.46 -9.40
C13 OLA P . -16.01 20.33 -9.56
C14 OLA P . -15.57 19.23 -10.49
C15 OLA P . -15.15 17.95 -9.80
C16 OLA P . -13.87 17.36 -10.32
C17 OLA P . -12.80 17.14 -9.27
C18 OLA P . -12.44 15.69 -9.05
P PO4 Q . 2.18 -4.74 7.98
O1 PO4 Q . 2.74 -5.16 9.42
O2 PO4 Q . 2.65 -5.76 6.92
O3 PO4 Q . 2.71 -3.28 7.62
O4 PO4 Q . 0.57 -4.73 8.03
#